data_7AP1
#
_entry.id   7AP1
#
_cell.length_a   84.670
_cell.length_b   84.670
_cell.length_c   229.865
_cell.angle_alpha   90.000
_cell.angle_beta   90.000
_cell.angle_gamma   90.000
#
_symmetry.space_group_name_H-M   'P 43 21 2'
#
loop_
_entity.id
_entity.type
_entity.pdbx_description
1 polymer 'Serine-tRNA ligase'
2 non-polymer '[(2~{R},3~{S},4~{R},5~{R})-5-[7-azanyl-5-(hydroxymethyl)benzimidazol-1-yl]-3,4-bis(oxidanyl)oxolan-2-yl]methyl ~{N}-[(2~{S})-2-azanyl-3-oxidanyl-propanoyl]sulfamate'
3 non-polymer 1,2-ETHANEDIOL
4 non-polymer 'CALCIUM ION'
5 water water
#
_entity_poly.entity_id   1
_entity_poly.type   'polypeptide(L)'
_entity_poly.pdbx_seq_one_letter_code
;MLDPNLLRTEPDAVAEKLARRGFKLDVDKLRALEERRKVLQVQTENLQAERNSRSKSIGQAKARGEDIEPLRLEVNKLGE
QLDAAKSELETLLAEIRDIALAIPNIPHDDVPVGRDENDNVEVSRWGTPRQFDFEVRDHVTLGEMHGGLDFAAAVKLTGS
RFVVMKGQLARLHRALAQFMLDLHTEQHGYSENYVPYLVNQDTLYGTGQLPKFAGDLFHTRPLEEEADSSNYALIPTAEV
PLTNLVRDEIIDEDDLPIKMTAHTPCFRSEAGSYGRDTRGLIRMHQFDKVEMVQIVRPEDSMAALEEMTGHAEKVLQLLG
LPYRKVALCTGDMGFSACKTYDLEVWVPAQNTYREISSCSNVWDFQARRMQARCRSKSDKKTRLVHTLNGSGLAVGRTLV
ALMENYQQADGRIEIPEVLRPYMRGLEYIG
;
_entity_poly.pdbx_strand_id   A
#
# COMPACT_ATOMS: atom_id res chain seq x y z
N MET A 1 8.70 2.23 8.11
CA MET A 1 9.82 2.49 8.99
C MET A 1 9.45 2.24 10.44
N LEU A 2 10.26 1.46 11.18
CA LEU A 2 10.04 1.26 12.61
C LEU A 2 10.64 2.45 13.41
N ASP A 3 10.21 2.63 14.66
CA ASP A 3 10.70 3.69 15.54
C ASP A 3 12.21 3.50 15.75
N PRO A 4 13.04 4.49 15.35
CA PRO A 4 14.49 4.33 15.53
C PRO A 4 14.91 4.21 16.99
N ASN A 5 14.16 4.83 17.92
CA ASN A 5 14.44 4.72 19.35
C ASN A 5 14.11 3.31 19.87
N LEU A 6 13.14 2.61 19.25
CA LEU A 6 12.78 1.24 19.60
C LEU A 6 13.88 0.26 19.10
N LEU A 7 14.53 0.58 17.98
CA LEU A 7 15.63 -0.22 17.46
C LEU A 7 16.91 -0.02 18.30
N ARG A 8 17.04 1.13 19.00
CA ARG A 8 18.21 1.43 19.83
C ARG A 8 18.03 0.92 21.27
N THR A 9 16.80 0.92 21.81
CA THR A 9 16.57 0.47 23.17
C THR A 9 16.23 -1.02 23.28
N GLU A 10 15.40 -1.55 22.37
CA GLU A 10 15.02 -2.97 22.44
C GLU A 10 15.32 -3.75 21.13
N PRO A 11 16.54 -3.70 20.55
CA PRO A 11 16.79 -4.41 19.29
C PRO A 11 16.48 -5.91 19.31
N ASP A 12 16.83 -6.61 20.39
CA ASP A 12 16.55 -8.05 20.49
C ASP A 12 15.05 -8.34 20.64
N ALA A 13 14.31 -7.44 21.30
CA ALA A 13 12.87 -7.60 21.46
C ALA A 13 12.16 -7.38 20.09
N VAL A 14 12.65 -6.41 19.31
CA VAL A 14 12.12 -6.14 17.97
C VAL A 14 12.46 -7.33 17.06
N ALA A 15 13.72 -7.82 17.12
CA ALA A 15 14.16 -8.97 16.33
C ALA A 15 13.33 -10.23 16.63
N GLU A 16 12.83 -10.36 17.85
CA GLU A 16 12.01 -11.51 18.24
C GLU A 16 10.64 -11.46 17.55
N LYS A 17 9.99 -10.29 17.54
CA LYS A 17 8.68 -10.12 16.89
C LYS A 17 8.82 -10.30 15.39
N LEU A 18 9.90 -9.76 14.80
CA LEU A 18 10.12 -9.87 13.36
C LEU A 18 10.42 -11.32 12.93
N ALA A 19 11.03 -12.13 13.82
CA ALA A 19 11.31 -13.54 13.53
C ALA A 19 10.03 -14.33 13.28
N ARG A 20 8.89 -13.92 13.88
CA ARG A 20 7.61 -14.58 13.64
C ARG A 20 7.16 -14.43 12.18
N ARG A 21 7.57 -13.35 11.49
CA ARG A 21 7.30 -13.16 10.06
C ARG A 21 8.28 -13.96 9.16
N GLY A 22 9.34 -14.51 9.75
CA GLY A 22 10.40 -15.17 9.01
C GLY A 22 11.48 -14.19 8.60
N PHE A 23 11.53 -12.99 9.24
CA PHE A 23 12.50 -11.95 8.93
C PHE A 23 13.61 -11.94 9.95
N LYS A 24 14.87 -12.08 9.51
CA LYS A 24 16.00 -12.03 10.43
C LYS A 24 16.58 -10.62 10.48
N LEU A 25 16.40 -9.92 11.60
CA LEU A 25 16.93 -8.57 11.74
C LEU A 25 18.42 -8.67 12.07
N ASP A 26 19.26 -8.03 11.24
CA ASP A 26 20.69 -8.05 11.48
C ASP A 26 21.06 -7.07 12.62
N VAL A 27 20.83 -7.48 13.88
CA VAL A 27 21.08 -6.63 15.06
C VAL A 27 22.56 -6.25 15.20
N ASP A 28 23.44 -7.20 14.91
CA ASP A 28 24.89 -7.03 15.01
C ASP A 28 25.38 -5.95 14.06
N LYS A 29 24.93 -5.97 12.79
CA LYS A 29 25.36 -4.94 11.83
C LYS A 29 24.79 -3.56 12.18
N LEU A 30 23.52 -3.49 12.60
CA LEU A 30 22.89 -2.25 12.99
C LEU A 30 23.62 -1.59 14.17
N ARG A 31 24.07 -2.40 15.16
CA ARG A 31 24.81 -1.91 16.32
C ARG A 31 26.18 -1.37 15.92
N ALA A 32 26.91 -2.10 15.07
CA ALA A 32 28.25 -1.67 14.65
C ALA A 32 28.17 -0.39 13.82
N LEU A 33 27.14 -0.25 12.97
CA LEU A 33 26.94 0.97 12.17
C LEU A 33 26.59 2.15 13.11
N GLU A 34 25.69 1.94 14.08
CA GLU A 34 25.27 2.96 15.04
C GLU A 34 26.42 3.45 15.93
N GLU A 35 27.33 2.55 16.36
CA GLU A 35 28.48 2.97 17.18
C GLU A 35 29.46 3.80 16.36
N ARG A 36 29.67 3.42 15.10
CA ARG A 36 30.56 4.18 14.22
C ARG A 36 29.89 5.52 13.84
N ARG A 37 28.56 5.55 13.70
CA ARG A 37 27.85 6.78 13.43
C ARG A 37 28.07 7.82 14.55
N LYS A 38 28.01 7.40 15.83
CA LYS A 38 28.20 8.33 16.95
C LYS A 38 29.61 8.93 16.94
N VAL A 39 30.63 8.14 16.55
CA VAL A 39 32.01 8.64 16.43
C VAL A 39 32.05 9.72 15.33
N LEU A 40 31.55 9.41 14.12
CA LEU A 40 31.53 10.39 13.03
C LEU A 40 30.63 11.60 13.28
N GLN A 41 29.53 11.43 14.00
CA GLN A 41 28.62 12.54 14.33
C GLN A 41 29.33 13.57 15.26
N VAL A 42 30.12 13.10 16.24
CA VAL A 42 30.84 14.01 17.15
C VAL A 42 31.93 14.74 16.38
N GLN A 43 32.71 14.00 15.58
CA GLN A 43 33.78 14.55 14.77
C GLN A 43 33.23 15.59 13.77
N THR A 44 32.07 15.32 13.17
CA THR A 44 31.45 16.25 12.20
C THR A 44 30.92 17.52 12.87
N GLU A 45 30.21 17.39 14.00
CA GLU A 45 29.66 18.55 14.70
C GLU A 45 30.76 19.43 15.29
N ASN A 46 31.90 18.84 15.67
CA ASN A 46 33.04 19.61 16.15
C ASN A 46 33.61 20.45 14.99
N LEU A 47 33.68 19.86 13.77
CA LEU A 47 34.15 20.55 12.55
C LEU A 47 33.18 21.65 12.14
N GLN A 48 31.86 21.39 12.21
CA GLN A 48 30.84 22.40 11.94
C GLN A 48 30.99 23.61 12.86
N ALA A 49 31.30 23.37 14.16
CA ALA A 49 31.44 24.42 15.15
C ALA A 49 32.69 25.24 14.92
N GLU A 50 33.85 24.59 14.67
CA GLU A 50 35.08 25.32 14.46
C GLU A 50 35.09 26.09 13.16
N ARG A 51 34.39 25.58 12.12
CA ARG A 51 34.34 26.30 10.85
CA ARG A 51 34.33 26.30 10.84
C ARG A 51 33.46 27.54 11.03
N ASN A 52 32.32 27.39 11.72
CA ASN A 52 31.41 28.50 12.02
C ASN A 52 32.15 29.59 12.83
N SER A 53 32.99 29.18 13.79
CA SER A 53 33.75 30.10 14.62
C SER A 53 34.87 30.79 13.83
N ARG A 54 35.54 30.05 12.96
CA ARG A 54 36.64 30.59 12.17
C ARG A 54 36.13 31.62 11.13
N SER A 55 34.93 31.40 10.58
CA SER A 55 34.37 32.36 9.63
C SER A 55 33.87 33.62 10.37
N LYS A 56 33.39 33.49 11.62
CA LYS A 56 33.00 34.66 12.41
C LYS A 56 34.22 35.52 12.74
N SER A 57 35.40 34.89 12.92
CA SER A 57 36.66 35.60 13.15
C SER A 57 37.04 36.47 11.94
N ILE A 58 36.67 36.07 10.72
CA ILE A 58 36.92 36.84 9.50
C ILE A 58 36.19 38.20 9.57
N GLY A 59 34.87 38.17 9.78
CA GLY A 59 34.08 39.39 9.93
C GLY A 59 34.58 40.28 11.06
N GLN A 60 35.07 39.66 12.15
CA GLN A 60 35.63 40.37 13.30
C GLN A 60 37.00 41.00 12.98
N ALA A 61 37.76 40.41 12.04
CA ALA A 61 39.06 40.95 11.64
C ALA A 61 38.97 42.00 10.52
N LYS A 62 37.79 42.16 9.89
CA LYS A 62 37.56 43.17 8.86
C LYS A 62 37.76 44.61 9.42
N ALA A 63 37.71 44.77 10.75
CA ALA A 63 37.94 46.04 11.43
C ALA A 63 39.44 46.27 11.61
N ASP A 67 44.49 42.05 8.07
CA ASP A 67 44.67 41.13 6.95
C ASP A 67 43.82 39.87 7.14
N ILE A 68 42.91 39.61 6.17
CA ILE A 68 42.02 38.46 6.26
C ILE A 68 42.44 37.29 5.37
N GLU A 69 43.71 37.24 4.93
CA GLU A 69 44.15 36.13 4.07
C GLU A 69 44.66 34.90 4.84
N PRO A 70 45.44 35.01 5.94
CA PRO A 70 45.83 33.79 6.68
C PRO A 70 44.61 33.10 7.29
N LEU A 71 43.59 33.88 7.72
CA LEU A 71 42.36 33.35 8.29
C LEU A 71 41.46 32.72 7.21
N ARG A 72 41.52 33.22 5.97
CA ARG A 72 40.69 32.69 4.88
C ARG A 72 41.19 31.34 4.37
N LEU A 73 42.51 31.12 4.42
CA LEU A 73 43.10 29.85 4.01
C LEU A 73 42.66 28.77 4.99
N GLU A 74 42.73 29.06 6.30
CA GLU A 74 42.32 28.16 7.36
C GLU A 74 40.84 27.77 7.24
N VAL A 75 39.96 28.74 6.90
CA VAL A 75 38.52 28.53 6.72
C VAL A 75 38.24 27.59 5.54
N ASN A 76 39.07 27.67 4.48
CA ASN A 76 38.90 26.83 3.31
C ASN A 76 39.41 25.41 3.56
N LYS A 77 40.46 25.25 4.39
CA LYS A 77 40.94 23.90 4.72
C LYS A 77 39.93 23.22 5.63
N LEU A 78 39.39 23.96 6.63
CA LEU A 78 38.35 23.48 7.54
C LEU A 78 37.09 23.12 6.76
N GLY A 79 36.78 23.89 5.71
CA GLY A 79 35.63 23.68 4.85
C GLY A 79 35.76 22.41 4.03
N GLU A 80 36.98 22.09 3.58
CA GLU A 80 37.28 20.88 2.83
C GLU A 80 37.23 19.67 3.76
N GLN A 81 37.78 19.81 4.99
CA GLN A 81 37.75 18.76 6.00
C GLN A 81 36.31 18.46 6.44
N LEU A 82 35.48 19.51 6.59
CA LEU A 82 34.10 19.35 7.01
C LEU A 82 33.29 18.64 5.92
N ASP A 83 33.45 19.03 4.64
CA ASP A 83 32.73 18.38 3.54
C ASP A 83 33.11 16.90 3.43
N ALA A 84 34.40 16.58 3.62
CA ALA A 84 34.86 15.20 3.54
C ALA A 84 34.25 14.37 4.68
N ALA A 85 34.19 14.93 5.89
CA ALA A 85 33.60 14.28 7.06
C ALA A 85 32.09 14.12 6.89
N LYS A 86 31.42 15.12 6.31
CA LYS A 86 30.00 15.05 6.07
C LYS A 86 29.66 13.97 5.03
N SER A 87 30.50 13.77 3.99
CA SER A 87 30.24 12.76 2.96
C SER A 87 30.42 11.36 3.51
N GLU A 88 31.48 11.17 4.29
CA GLU A 88 31.77 9.91 4.98
C GLU A 88 30.60 9.56 5.92
N LEU A 89 30.10 10.57 6.67
CA LEU A 89 28.96 10.37 7.56
C LEU A 89 27.68 10.03 6.77
N GLU A 90 27.39 10.78 5.71
CA GLU A 90 26.21 10.54 4.87
C GLU A 90 26.23 9.15 4.20
N THR A 91 27.41 8.65 3.82
CA THR A 91 27.53 7.31 3.25
C THR A 91 27.09 6.24 4.28
N LEU A 92 27.50 6.44 5.55
CA LEU A 92 27.17 5.58 6.67
C LEU A 92 25.68 5.66 6.98
N LEU A 93 25.10 6.86 6.94
CA LEU A 93 23.65 7.05 7.14
C LEU A 93 22.80 6.35 6.10
N ALA A 94 23.29 6.31 4.85
CA ALA A 94 22.58 5.64 3.78
C ALA A 94 22.64 4.13 3.98
N GLU A 95 23.77 3.58 4.53
CA GLU A 95 23.83 2.15 4.81
C GLU A 95 22.84 1.77 5.91
N ILE A 96 22.67 2.66 6.92
CA ILE A 96 21.72 2.42 8.01
C ILE A 96 20.30 2.42 7.45
N ARG A 97 19.99 3.40 6.56
CA ARG A 97 18.73 3.54 5.85
C ARG A 97 18.41 2.31 4.96
N ASP A 98 19.41 1.76 4.26
CA ASP A 98 19.23 0.57 3.43
C ASP A 98 18.73 -0.61 4.29
N ILE A 99 19.20 -0.71 5.54
CA ILE A 99 18.73 -1.76 6.44
C ILE A 99 17.34 -1.39 7.02
N ALA A 100 17.23 -0.19 7.61
CA ALA A 100 16.01 0.27 8.28
C ALA A 100 14.77 0.31 7.41
N LEU A 101 14.91 0.76 6.16
CA LEU A 101 13.78 0.87 5.25
C LEU A 101 13.39 -0.46 4.59
N ALA A 102 14.17 -1.54 4.80
CA ALA A 102 13.81 -2.87 4.29
C ALA A 102 13.19 -3.74 5.40
N ILE A 103 12.97 -3.22 6.61
CA ILE A 103 12.41 -3.99 7.71
C ILE A 103 10.89 -3.96 7.64
N PRO A 104 10.22 -5.12 7.59
CA PRO A 104 8.74 -5.11 7.59
C PRO A 104 8.17 -4.62 8.92
N ASN A 105 6.85 -4.38 8.94
CA ASN A 105 6.21 -3.90 10.15
C ASN A 105 6.17 -4.98 11.24
N ILE A 106 6.18 -4.56 12.50
CA ILE A 106 6.11 -5.50 13.61
C ILE A 106 4.68 -6.01 13.68
N PRO A 107 4.46 -7.33 13.67
CA PRO A 107 3.09 -7.83 13.75
C PRO A 107 2.45 -7.52 15.10
N HIS A 108 1.15 -7.20 15.10
CA HIS A 108 0.41 -6.97 16.34
C HIS A 108 0.24 -8.33 17.05
N ASP A 109 0.05 -8.33 18.38
CA ASP A 109 -0.13 -9.56 19.13
C ASP A 109 -1.38 -10.35 18.72
N ASP A 110 -2.37 -9.68 18.10
CA ASP A 110 -3.60 -10.34 17.63
C ASP A 110 -3.34 -11.34 16.51
N VAL A 111 -2.26 -11.16 15.76
CA VAL A 111 -1.91 -11.98 14.61
C VAL A 111 -1.43 -13.37 15.02
N PRO A 112 -2.09 -14.42 14.50
CA PRO A 112 -1.65 -15.78 14.84
C PRO A 112 -0.26 -16.05 14.26
N VAL A 113 0.61 -16.73 15.02
CA VAL A 113 1.94 -17.06 14.53
C VAL A 113 1.82 -18.15 13.46
N GLY A 114 2.55 -18.00 12.37
CA GLY A 114 2.51 -18.97 11.29
C GLY A 114 3.63 -18.77 10.30
N ARG A 115 3.94 -19.81 9.51
CA ARG A 115 5.03 -19.75 8.54
C ARG A 115 4.58 -19.31 7.15
N ASP A 116 3.36 -19.71 6.74
CA ASP A 116 2.86 -19.35 5.41
C ASP A 116 1.32 -19.33 5.39
N GLU A 117 0.70 -19.18 4.19
CA GLU A 117 -0.75 -19.12 4.01
C GLU A 117 -1.50 -20.33 4.54
N ASN A 118 -0.84 -21.50 4.63
CA ASN A 118 -1.50 -22.70 5.19
C ASN A 118 -1.73 -22.61 6.71
N ASP A 119 -1.13 -21.61 7.37
CA ASP A 119 -1.27 -21.36 8.80
C ASP A 119 -2.25 -20.19 9.11
N ASN A 120 -2.96 -19.66 8.09
CA ASN A 120 -3.94 -18.59 8.26
C ASN A 120 -5.18 -19.14 8.98
N VAL A 121 -5.86 -18.31 9.77
CA VAL A 121 -7.03 -18.77 10.55
C VAL A 121 -8.34 -18.24 9.99
N GLU A 122 -9.28 -19.11 9.68
CA GLU A 122 -10.60 -18.68 9.20
C GLU A 122 -11.34 -18.06 10.40
N VAL A 123 -11.84 -16.85 10.24
CA VAL A 123 -12.55 -16.15 11.31
C VAL A 123 -14.08 -16.36 11.15
N SER A 124 -14.60 -16.21 9.92
CA SER A 124 -16.03 -16.35 9.65
C SER A 124 -16.31 -16.77 8.19
N ARG A 125 -17.55 -17.13 7.91
CA ARG A 125 -18.01 -17.59 6.61
C ARG A 125 -19.43 -17.03 6.40
N TRP A 126 -19.77 -16.63 5.18
CA TRP A 126 -21.11 -16.12 4.90
C TRP A 126 -21.59 -16.66 3.58
N GLY A 127 -22.86 -17.05 3.52
CA GLY A 127 -23.50 -17.51 2.30
C GLY A 127 -23.24 -18.97 1.99
N THR A 128 -24.09 -19.55 1.15
CA THR A 128 -23.95 -20.97 0.79
C THR A 128 -23.61 -21.16 -0.69
N PRO A 129 -22.44 -21.74 -0.99
CA PRO A 129 -22.08 -21.99 -2.39
C PRO A 129 -23.16 -22.76 -3.16
N ARG A 130 -23.53 -22.23 -4.31
CA ARG A 130 -24.58 -22.74 -5.17
C ARG A 130 -24.31 -24.17 -5.69
N GLN A 131 -25.36 -25.02 -5.67
CA GLN A 131 -25.23 -26.37 -6.23
C GLN A 131 -25.75 -26.27 -7.66
N PHE A 132 -24.94 -26.64 -8.64
CA PHE A 132 -25.30 -26.51 -10.04
C PHE A 132 -25.93 -27.79 -10.62
N ASP A 133 -26.85 -27.60 -11.58
CA ASP A 133 -27.50 -28.71 -12.28
C ASP A 133 -26.84 -29.01 -13.65
N PHE A 134 -25.65 -28.45 -13.90
CA PHE A 134 -24.87 -28.62 -15.12
C PHE A 134 -23.37 -28.47 -14.75
N GLU A 135 -22.49 -28.71 -15.71
CA GLU A 135 -21.05 -28.59 -15.49
C GLU A 135 -20.72 -27.09 -15.46
N VAL A 136 -20.11 -26.65 -14.37
CA VAL A 136 -19.72 -25.26 -14.19
C VAL A 136 -18.72 -24.82 -15.25
N ARG A 137 -18.99 -23.69 -15.90
CA ARG A 137 -18.06 -23.10 -16.84
C ARG A 137 -17.25 -22.03 -16.09
N ASP A 138 -15.98 -21.87 -16.47
CA ASP A 138 -15.18 -20.82 -15.83
C ASP A 138 -15.46 -19.46 -16.52
N HIS A 139 -14.99 -18.35 -15.91
CA HIS A 139 -15.22 -17.02 -16.44
C HIS A 139 -14.62 -16.81 -17.82
N VAL A 140 -13.50 -17.50 -18.14
CA VAL A 140 -12.84 -17.39 -19.45
C VAL A 140 -13.76 -17.99 -20.53
N THR A 141 -14.32 -19.19 -20.26
CA THR A 141 -15.24 -19.87 -21.18
C THR A 141 -16.51 -19.03 -21.31
N LEU A 142 -17.04 -18.52 -20.20
CA LEU A 142 -18.23 -17.66 -20.25
C LEU A 142 -17.99 -16.40 -21.07
N GLY A 143 -16.82 -15.79 -20.92
CA GLY A 143 -16.46 -14.58 -21.66
C GLY A 143 -16.31 -14.83 -23.16
N GLU A 144 -15.85 -16.03 -23.53
CA GLU A 144 -15.74 -16.45 -24.92
C GLU A 144 -17.13 -16.66 -25.50
N MET A 145 -18.03 -17.30 -24.75
CA MET A 145 -19.40 -17.55 -25.22
C MET A 145 -20.13 -16.25 -25.49
N HIS A 146 -19.88 -15.21 -24.66
CA HIS A 146 -20.52 -13.91 -24.85
C HIS A 146 -19.77 -13.00 -25.81
N GLY A 147 -18.53 -13.35 -26.17
CA GLY A 147 -17.62 -12.54 -26.95
C GLY A 147 -17.12 -11.32 -26.18
N GLY A 148 -17.32 -11.31 -24.85
CA GLY A 148 -17.02 -10.19 -23.98
C GLY A 148 -15.70 -10.12 -23.25
N LEU A 149 -14.97 -11.23 -23.12
CA LEU A 149 -13.63 -11.20 -22.50
C LEU A 149 -12.72 -11.74 -23.57
N ASP A 150 -11.77 -10.91 -24.03
CA ASP A 150 -10.90 -11.22 -25.16
C ASP A 150 -9.46 -11.00 -24.75
N PHE A 151 -8.81 -12.09 -24.37
CA PHE A 151 -7.42 -12.11 -23.98
C PHE A 151 -6.50 -12.04 -25.17
N ALA A 152 -6.91 -12.62 -26.33
CA ALA A 152 -6.08 -12.63 -27.53
C ALA A 152 -5.91 -11.21 -28.09
N ALA A 153 -6.98 -10.43 -28.10
CA ALA A 153 -6.89 -9.05 -28.57
C ALA A 153 -5.95 -8.22 -27.67
N ALA A 154 -5.94 -8.50 -26.36
CA ALA A 154 -5.05 -7.78 -25.45
C ALA A 154 -3.59 -8.16 -25.62
N VAL A 155 -3.32 -9.42 -26.00
CA VAL A 155 -1.95 -9.86 -26.32
C VAL A 155 -1.49 -9.11 -27.60
N LYS A 156 -2.39 -8.98 -28.59
CA LYS A 156 -2.08 -8.24 -29.82
C LYS A 156 -1.77 -6.76 -29.47
N LEU A 157 -2.65 -6.09 -28.69
CA LEU A 157 -2.45 -4.69 -28.30
C LEU A 157 -1.26 -4.48 -27.44
N THR A 158 -1.02 -5.39 -26.49
CA THR A 158 0.01 -5.18 -25.49
C THR A 158 0.90 -6.43 -25.27
N GLY A 159 0.38 -7.45 -24.61
CA GLY A 159 1.12 -8.62 -24.23
C GLY A 159 0.31 -9.45 -23.27
N SER A 160 0.96 -10.44 -22.65
CA SER A 160 0.24 -11.32 -21.74
C SER A 160 -0.12 -10.61 -20.45
N ARG A 161 -1.19 -11.10 -19.85
CA ARG A 161 -1.72 -10.62 -18.58
C ARG A 161 -2.38 -9.26 -18.71
N PHE A 162 -3.08 -9.05 -19.81
CA PHE A 162 -3.93 -7.90 -20.05
C PHE A 162 -5.24 -8.44 -20.61
N VAL A 163 -6.32 -7.64 -20.57
CA VAL A 163 -7.61 -8.08 -21.13
C VAL A 163 -8.30 -6.97 -21.89
N VAL A 164 -9.12 -7.35 -22.87
CA VAL A 164 -10.01 -6.44 -23.55
C VAL A 164 -11.42 -6.97 -23.22
N MET A 165 -12.27 -6.13 -22.65
CA MET A 165 -13.66 -6.49 -22.39
C MET A 165 -14.52 -5.75 -23.39
N LYS A 166 -15.56 -6.38 -23.91
CA LYS A 166 -16.38 -5.82 -24.96
C LYS A 166 -17.86 -5.98 -24.64
N GLY A 167 -18.65 -4.99 -25.01
CA GLY A 167 -20.09 -5.06 -24.84
C GLY A 167 -20.60 -5.10 -23.41
N GLN A 168 -21.64 -5.89 -23.19
CA GLN A 168 -22.32 -6.00 -21.92
C GLN A 168 -21.45 -6.41 -20.74
N LEU A 169 -20.41 -7.25 -20.97
CA LEU A 169 -19.51 -7.62 -19.88
C LEU A 169 -18.60 -6.44 -19.45
N ALA A 170 -18.25 -5.52 -20.39
CA ALA A 170 -17.50 -4.30 -20.05
C ALA A 170 -18.41 -3.37 -19.24
N ARG A 171 -19.68 -3.28 -19.65
CA ARG A 171 -20.70 -2.52 -18.96
C ARG A 171 -20.91 -3.02 -17.52
N LEU A 172 -20.92 -4.34 -17.33
CA LEU A 172 -21.12 -4.95 -16.02
C LEU A 172 -19.93 -4.65 -15.09
N HIS A 173 -18.71 -4.66 -15.65
CA HIS A 173 -17.48 -4.36 -14.92
C HIS A 173 -17.56 -2.89 -14.42
N ARG A 174 -18.02 -1.97 -15.28
CA ARG A 174 -18.19 -0.56 -14.92
C ARG A 174 -19.25 -0.41 -13.84
N ALA A 175 -20.37 -1.14 -13.96
CA ALA A 175 -21.49 -1.13 -13.00
C ALA A 175 -21.03 -1.58 -11.61
N LEU A 176 -20.14 -2.57 -11.56
CA LEU A 176 -19.60 -3.03 -10.28
C LEU A 176 -18.84 -1.91 -9.58
N ALA A 177 -18.00 -1.16 -10.33
CA ALA A 177 -17.23 -0.07 -9.75
C ALA A 177 -18.14 1.06 -9.30
N GLN A 178 -19.20 1.35 -10.08
CA GLN A 178 -20.14 2.41 -9.73
C GLN A 178 -20.86 2.08 -8.43
N PHE A 179 -21.33 0.84 -8.31
CA PHE A 179 -22.00 0.34 -7.11
C PHE A 179 -21.08 0.43 -5.87
N MET A 180 -19.81 -0.02 -6.00
CA MET A 180 -18.87 -0.01 -4.88
C MET A 180 -18.59 1.40 -4.39
N LEU A 181 -18.34 2.35 -5.33
CA LEU A 181 -18.05 3.74 -4.99
C LEU A 181 -19.29 4.36 -4.35
N ASP A 182 -20.47 4.11 -4.92
CA ASP A 182 -21.70 4.65 -4.35
C ASP A 182 -21.95 4.12 -2.95
N LEU A 183 -21.74 2.82 -2.70
CA LEU A 183 -21.92 2.24 -1.38
C LEU A 183 -21.01 2.90 -0.33
N HIS A 184 -19.69 2.99 -0.59
CA HIS A 184 -18.75 3.54 0.37
C HIS A 184 -18.91 5.04 0.62
N THR A 185 -19.29 5.81 -0.41
CA THR A 185 -19.46 7.26 -0.24
C THR A 185 -20.84 7.58 0.34
N GLU A 186 -21.88 6.80 0.01
CA GLU A 186 -23.23 7.08 0.48
C GLU A 186 -23.57 6.47 1.84
N GLN A 187 -23.06 5.27 2.12
CA GLN A 187 -23.43 4.55 3.33
C GLN A 187 -22.31 4.41 4.32
N HIS A 188 -21.04 4.42 3.85
CA HIS A 188 -19.92 4.14 4.74
C HIS A 188 -19.08 5.32 5.16
N GLY A 189 -19.44 6.54 4.78
CA GLY A 189 -18.70 7.73 5.21
C GLY A 189 -17.38 8.04 4.54
N TYR A 190 -17.07 7.40 3.38
CA TYR A 190 -15.83 7.69 2.66
C TYR A 190 -16.00 8.90 1.73
N SER A 191 -14.97 9.72 1.54
CA SER A 191 -14.99 10.81 0.57
C SER A 191 -14.29 10.32 -0.73
N GLU A 192 -14.96 10.52 -1.88
CA GLU A 192 -14.47 10.14 -3.21
C GLU A 192 -13.26 10.95 -3.65
N ASN A 193 -12.26 10.31 -4.27
CA ASN A 193 -11.09 11.01 -4.78
C ASN A 193 -10.71 10.57 -6.18
N TYR A 194 -10.26 11.51 -7.02
CA TYR A 194 -9.69 11.19 -8.32
C TYR A 194 -8.19 11.46 -8.09
N VAL A 195 -7.33 10.44 -8.29
CA VAL A 195 -5.91 10.59 -8.02
C VAL A 195 -5.03 10.39 -9.24
N PRO A 196 -3.77 10.84 -9.18
CA PRO A 196 -2.83 10.52 -10.26
C PRO A 196 -2.53 9.01 -10.26
N TYR A 197 -2.35 8.44 -11.44
CA TYR A 197 -2.01 7.02 -11.61
C TYR A 197 -0.49 6.80 -11.78
N LEU A 198 0.29 7.89 -11.85
CA LEU A 198 1.75 7.95 -11.86
C LEU A 198 2.10 8.72 -10.60
N VAL A 199 3.06 8.19 -9.81
CA VAL A 199 3.53 8.79 -8.57
C VAL A 199 5.05 8.87 -8.55
N ASN A 200 5.59 9.75 -7.71
CA ASN A 200 7.02 9.96 -7.61
C ASN A 200 7.67 9.03 -6.55
N GLN A 201 9.00 9.06 -6.44
CA GLN A 201 9.76 8.23 -5.49
C GLN A 201 9.41 8.53 -4.05
N ASP A 202 9.17 9.79 -3.66
CA ASP A 202 8.83 10.14 -2.27
C ASP A 202 7.54 9.43 -1.87
N THR A 203 6.54 9.45 -2.76
CA THR A 203 5.25 8.79 -2.52
C THR A 203 5.47 7.29 -2.34
N LEU A 204 6.27 6.66 -3.21
CA LEU A 204 6.53 5.22 -3.12
C LEU A 204 7.27 4.83 -1.87
N TYR A 205 8.24 5.66 -1.40
CA TYR A 205 8.92 5.42 -0.13
C TYR A 205 7.91 5.55 1.01
N GLY A 206 7.05 6.57 0.95
CA GLY A 206 6.05 6.84 1.96
C GLY A 206 5.14 5.67 2.31
N THR A 207 4.72 4.88 1.31
CA THR A 207 3.83 3.73 1.58
C THR A 207 4.56 2.38 1.62
N GLY A 208 5.89 2.37 1.50
CA GLY A 208 6.65 1.14 1.64
C GLY A 208 6.99 0.37 0.39
N GLN A 209 6.58 0.84 -0.80
CA GLN A 209 6.92 0.15 -2.05
C GLN A 209 8.42 0.28 -2.31
N LEU A 210 9.02 1.42 -1.94
CA LEU A 210 10.44 1.65 -2.03
C LEU A 210 11.02 1.67 -0.62
N PRO A 211 12.23 1.12 -0.45
CA PRO A 211 13.16 0.67 -1.49
C PRO A 211 13.08 -0.78 -1.92
N LYS A 212 12.42 -1.62 -1.13
CA LYS A 212 12.40 -3.07 -1.26
C LYS A 212 11.64 -3.69 -2.45
N PHE A 213 10.58 -3.04 -2.97
CA PHE A 213 9.75 -3.68 -4.00
C PHE A 213 9.70 -2.94 -5.32
N ALA A 214 10.80 -2.30 -5.71
CA ALA A 214 10.89 -1.58 -6.97
C ALA A 214 10.64 -2.46 -8.17
N GLY A 215 11.05 -3.73 -8.08
CA GLY A 215 10.91 -4.67 -9.19
C GLY A 215 9.48 -5.08 -9.45
N ASP A 216 8.56 -4.81 -8.51
CA ASP A 216 7.15 -5.15 -8.69
C ASP A 216 6.33 -4.04 -9.34
N LEU A 217 6.99 -2.94 -9.78
CA LEU A 217 6.36 -1.77 -10.37
C LEU A 217 6.71 -1.56 -11.84
N PHE A 218 5.83 -0.90 -12.60
CA PHE A 218 6.14 -0.44 -13.93
C PHE A 218 6.72 0.98 -13.71
N HIS A 219 7.94 1.25 -14.20
CA HIS A 219 8.58 2.55 -14.05
C HIS A 219 8.53 3.25 -15.38
N THR A 220 8.37 4.57 -15.39
CA THR A 220 8.36 5.31 -16.65
C THR A 220 9.67 6.06 -16.79
N ARG A 221 10.19 6.14 -18.02
CA ARG A 221 11.42 6.88 -18.26
CA ARG A 221 11.41 6.89 -18.33
C ARG A 221 11.13 8.38 -18.11
N PRO A 222 12.12 9.14 -17.58
CA PRO A 222 11.92 10.58 -17.42
C PRO A 222 11.61 11.29 -18.73
N LEU A 223 10.82 12.35 -18.63
CA LEU A 223 10.43 13.14 -19.78
C LEU A 223 11.54 14.11 -20.19
N GLU A 224 11.63 14.41 -21.48
CA GLU A 224 12.64 15.32 -22.03
C GLU A 224 12.59 16.71 -21.34
N GLU A 225 11.39 17.29 -21.21
CA GLU A 225 11.20 18.60 -20.62
C GLU A 225 11.11 18.61 -19.09
N GLU A 226 11.15 17.44 -18.42
CA GLU A 226 11.12 17.34 -16.95
C GLU A 226 12.13 16.25 -16.54
N ALA A 227 13.34 16.31 -17.12
CA ALA A 227 14.42 15.33 -16.99
C ALA A 227 14.85 14.95 -15.58
N ASP A 228 14.81 15.88 -14.62
CA ASP A 228 15.24 15.58 -13.25
C ASP A 228 14.12 15.52 -12.23
N SER A 229 12.85 15.56 -12.66
CA SER A 229 11.72 15.52 -11.73
C SER A 229 10.56 14.64 -12.24
N SER A 230 10.86 13.66 -13.13
CA SER A 230 9.80 12.80 -13.65
C SER A 230 10.14 11.32 -13.64
N ASN A 231 10.88 10.87 -12.63
CA ASN A 231 11.16 9.45 -12.48
CA ASN A 231 11.16 9.45 -12.48
C ASN A 231 9.93 8.87 -11.76
N TYR A 232 8.90 8.51 -12.53
CA TYR A 232 7.65 8.02 -11.96
C TYR A 232 7.43 6.53 -12.09
N ALA A 233 6.46 6.02 -11.34
CA ALA A 233 6.03 4.63 -11.45
C ALA A 233 4.48 4.63 -11.45
N LEU A 234 3.88 3.66 -12.13
CA LEU A 234 2.41 3.48 -12.14
C LEU A 234 2.01 2.92 -10.78
N ILE A 235 0.83 3.34 -10.28
CA ILE A 235 0.40 2.91 -8.97
C ILE A 235 0.02 1.42 -8.93
N PRO A 236 0.51 0.68 -7.92
CA PRO A 236 0.12 -0.73 -7.82
C PRO A 236 -1.26 -0.88 -7.13
N THR A 237 -1.79 0.23 -6.53
CA THR A 237 -3.03 0.33 -5.75
C THR A 237 -3.28 1.80 -5.38
N ALA A 238 -4.54 2.21 -5.26
CA ALA A 238 -4.87 3.60 -4.85
C ALA A 238 -4.43 3.90 -3.43
N GLU A 239 -4.02 2.89 -2.66
CA GLU A 239 -3.45 3.09 -1.32
C GLU A 239 -2.23 4.02 -1.37
N VAL A 240 -1.46 3.94 -2.45
CA VAL A 240 -0.24 4.72 -2.58
C VAL A 240 -0.55 6.23 -2.67
N PRO A 241 -1.30 6.74 -3.69
CA PRO A 241 -1.63 8.17 -3.68
C PRO A 241 -2.53 8.60 -2.52
N LEU A 242 -3.53 7.78 -2.12
CA LEU A 242 -4.46 8.19 -1.06
C LEU A 242 -3.78 8.36 0.29
N THR A 243 -2.95 7.39 0.71
CA THR A 243 -2.30 7.48 2.00
C THR A 243 -1.33 8.66 2.04
N ASN A 244 -0.64 8.95 0.93
CA ASN A 244 0.29 10.06 0.83
C ASN A 244 -0.36 11.43 0.84
N LEU A 245 -1.70 11.53 0.76
CA LEU A 245 -2.36 12.85 0.85
C LEU A 245 -2.13 13.50 2.21
N VAL A 246 -1.79 12.71 3.25
CA VAL A 246 -1.51 13.31 4.57
C VAL A 246 0.00 13.41 4.86
N ARG A 247 0.87 13.17 3.85
CA ARG A 247 2.31 13.30 4.03
C ARG A 247 2.67 14.74 4.40
N ASP A 248 3.55 14.91 5.41
CA ASP A 248 4.04 16.19 5.95
C ASP A 248 2.91 17.06 6.49
N GLU A 249 1.86 16.44 7.03
CA GLU A 249 0.75 17.19 7.58
C GLU A 249 0.58 17.01 9.07
N ILE A 250 0.09 18.06 9.73
CA ILE A 250 -0.30 17.95 11.13
C ILE A 250 -1.82 18.15 11.07
N ILE A 251 -2.55 17.10 11.36
CA ILE A 251 -3.99 17.11 11.31
C ILE A 251 -4.54 17.36 12.69
N ASP A 252 -5.56 18.22 12.79
CA ASP A 252 -6.27 18.45 14.04
C ASP A 252 -7.01 17.14 14.35
N GLU A 253 -6.88 16.58 15.57
CA GLU A 253 -7.53 15.31 15.90
C GLU A 253 -9.04 15.33 15.71
N ASP A 254 -9.67 16.52 15.81
CA ASP A 254 -11.11 16.65 15.56
C ASP A 254 -11.48 16.31 14.11
N ASP A 255 -10.54 16.46 13.17
CA ASP A 255 -10.77 16.16 11.76
C ASP A 255 -10.58 14.69 11.39
N LEU A 256 -10.14 13.86 12.35
CA LEU A 256 -9.97 12.42 12.20
C LEU A 256 -11.28 11.72 12.63
N PRO A 257 -11.65 10.59 11.99
CA PRO A 257 -10.93 9.90 10.90
C PRO A 257 -11.08 10.57 9.54
N ILE A 258 -10.08 10.39 8.68
CA ILE A 258 -10.16 10.86 7.29
C ILE A 258 -10.39 9.58 6.52
N LYS A 259 -11.56 9.44 5.92
CA LYS A 259 -11.94 8.22 5.20
C LYS A 259 -12.05 8.56 3.73
N MET A 260 -11.24 7.88 2.87
CA MET A 260 -11.14 8.17 1.45
C MET A 260 -11.34 6.93 0.61
N THR A 261 -11.94 7.08 -0.56
CA THR A 261 -12.11 5.99 -1.50
C THR A 261 -11.75 6.48 -2.91
N ALA A 262 -11.37 5.55 -3.79
CA ALA A 262 -11.04 5.85 -5.18
C ALA A 262 -11.20 4.60 -6.00
N HIS A 263 -11.51 4.78 -7.27
CA HIS A 263 -11.59 3.66 -8.21
C HIS A 263 -10.45 3.94 -9.17
N THR A 264 -9.43 3.07 -9.23
CA THR A 264 -8.32 3.27 -10.15
C THR A 264 -7.92 1.99 -10.83
N PRO A 265 -7.27 2.08 -12.00
CA PRO A 265 -6.54 0.91 -12.49
C PRO A 265 -5.29 0.75 -11.57
N CYS A 266 -4.79 -0.48 -11.48
CA CYS A 266 -3.64 -0.85 -10.66
C CYS A 266 -2.66 -1.59 -11.53
N PHE A 267 -1.37 -1.27 -11.39
CA PHE A 267 -0.36 -1.82 -12.25
C PHE A 267 0.75 -2.51 -11.46
N ARG A 268 0.92 -3.79 -11.72
CA ARG A 268 1.93 -4.58 -11.03
C ARG A 268 2.63 -5.53 -11.96
N SER A 269 3.91 -5.81 -11.69
CA SER A 269 4.66 -6.83 -12.40
C SER A 269 5.27 -7.70 -11.29
N GLU A 270 4.42 -8.46 -10.58
CA GLU A 270 4.89 -9.27 -9.45
C GLU A 270 5.66 -10.53 -9.88
N ASP A 277 -1.51 -18.49 -11.74
CA ASP A 277 -2.75 -18.35 -12.51
C ASP A 277 -2.49 -17.83 -13.93
N THR A 278 -2.12 -18.73 -14.86
CA THR A 278 -1.83 -18.34 -16.24
C THR A 278 -3.10 -17.90 -17.01
N ARG A 279 -4.25 -18.47 -16.64
CA ARG A 279 -5.58 -18.29 -17.26
C ARG A 279 -6.52 -17.24 -16.58
N GLY A 280 -7.03 -16.29 -17.37
CA GLY A 280 -8.04 -15.33 -16.95
C GLY A 280 -7.71 -13.99 -16.32
N LEU A 281 -8.76 -13.35 -15.75
CA LEU A 281 -8.71 -12.04 -15.09
C LEU A 281 -8.08 -12.08 -13.71
N ILE A 282 -7.74 -13.28 -13.19
CA ILE A 282 -7.27 -13.44 -11.82
C ILE A 282 -5.98 -12.63 -11.48
N ARG A 283 -4.85 -12.83 -12.21
CA ARG A 283 -3.62 -12.12 -11.89
C ARG A 283 -3.05 -11.33 -13.08
N MET A 284 -3.65 -10.20 -13.37
CA MET A 284 -3.22 -9.38 -14.47
C MET A 284 -2.30 -8.24 -14.09
N HIS A 285 -1.54 -7.72 -15.06
CA HIS A 285 -0.65 -6.58 -14.83
C HIS A 285 -1.44 -5.30 -14.60
N GLN A 286 -2.68 -5.21 -15.15
CA GLN A 286 -3.55 -4.07 -14.99
C GLN A 286 -4.91 -4.59 -14.50
N PHE A 287 -5.39 -4.04 -13.38
CA PHE A 287 -6.69 -4.45 -12.84
C PHE A 287 -7.34 -3.23 -12.14
N ASP A 288 -8.65 -3.12 -12.13
CA ASP A 288 -9.36 -2.05 -11.46
C ASP A 288 -9.65 -2.45 -10.01
N LYS A 289 -9.63 -1.49 -9.09
CA LYS A 289 -9.92 -1.77 -7.68
C LYS A 289 -10.52 -0.53 -7.01
N VAL A 290 -11.60 -0.71 -6.26
CA VAL A 290 -12.17 0.38 -5.47
C VAL A 290 -11.49 0.22 -4.10
N GLU A 291 -10.70 1.21 -3.73
CA GLU A 291 -9.90 1.16 -2.51
C GLU A 291 -10.51 2.01 -1.42
N MET A 292 -10.37 1.59 -0.14
CA MET A 292 -10.79 2.37 1.02
C MET A 292 -9.54 2.63 1.84
N VAL A 293 -9.32 3.86 2.26
CA VAL A 293 -8.19 4.22 3.10
C VAL A 293 -8.72 5.02 4.30
N GLN A 294 -8.19 4.74 5.50
CA GLN A 294 -8.56 5.52 6.69
C GLN A 294 -7.31 6.02 7.37
N ILE A 295 -7.32 7.29 7.81
CA ILE A 295 -6.25 7.94 8.57
C ILE A 295 -6.93 8.20 9.92
N VAL A 296 -6.44 7.57 11.01
CA VAL A 296 -7.13 7.64 12.28
C VAL A 296 -6.16 7.94 13.46
N ARG A 297 -6.73 8.28 14.62
CA ARG A 297 -5.95 8.46 15.85
C ARG A 297 -5.36 7.11 16.27
N PRO A 298 -4.16 7.09 16.86
CA PRO A 298 -3.57 5.80 17.29
C PRO A 298 -4.47 4.86 18.10
N GLU A 299 -5.36 5.39 18.96
CA GLU A 299 -6.22 4.51 19.76
C GLU A 299 -7.42 3.94 19.02
N ASP A 300 -7.73 4.44 17.81
CA ASP A 300 -8.93 3.97 17.10
C ASP A 300 -8.69 3.03 15.94
N SER A 301 -7.44 2.62 15.71
CA SER A 301 -7.08 1.84 14.55
C SER A 301 -7.55 0.39 14.56
N MET A 302 -7.65 -0.24 15.73
CA MET A 302 -8.12 -1.63 15.79
C MET A 302 -9.63 -1.72 15.54
N ALA A 303 -10.38 -0.74 16.01
CA ALA A 303 -11.83 -0.68 15.78
C ALA A 303 -12.09 -0.29 14.31
N ALA A 304 -11.27 0.62 13.74
CA ALA A 304 -11.39 1.04 12.34
C ALA A 304 -11.09 -0.11 11.37
N LEU A 305 -10.25 -1.07 11.79
CA LEU A 305 -9.96 -2.24 10.96
C LEU A 305 -11.22 -3.12 10.85
N GLU A 306 -11.92 -3.35 11.99
CA GLU A 306 -13.17 -4.12 11.99
C GLU A 306 -14.24 -3.41 11.17
N GLU A 307 -14.31 -2.08 11.29
CA GLU A 307 -15.27 -1.30 10.53
C GLU A 307 -15.01 -1.40 9.00
N MET A 308 -13.77 -1.18 8.58
CA MET A 308 -13.40 -1.23 7.17
C MET A 308 -13.55 -2.62 6.57
N THR A 309 -13.23 -3.68 7.34
CA THR A 309 -13.43 -5.06 6.90
C THR A 309 -14.91 -5.32 6.67
N GLY A 310 -15.76 -4.83 7.57
CA GLY A 310 -17.22 -4.94 7.39
C GLY A 310 -17.74 -4.20 6.16
N HIS A 311 -17.12 -3.06 5.78
CA HIS A 311 -17.50 -2.31 4.58
C HIS A 311 -17.19 -3.17 3.33
N ALA A 312 -16.07 -3.91 3.33
CA ALA A 312 -15.72 -4.79 2.21
C ALA A 312 -16.65 -5.99 2.16
N GLU A 313 -16.96 -6.58 3.34
CA GLU A 313 -17.86 -7.73 3.44
C GLU A 313 -19.26 -7.35 2.95
N LYS A 314 -19.71 -6.13 3.23
CA LYS A 314 -21.01 -5.63 2.81
C LYS A 314 -21.18 -5.66 1.29
N VAL A 315 -20.10 -5.41 0.54
CA VAL A 315 -20.15 -5.46 -0.93
C VAL A 315 -20.50 -6.87 -1.39
N LEU A 316 -19.82 -7.89 -0.82
CA LEU A 316 -20.04 -9.29 -1.16
C LEU A 316 -21.45 -9.76 -0.76
N GLN A 317 -21.92 -9.29 0.38
CA GLN A 317 -23.25 -9.62 0.89
C GLN A 317 -24.36 -9.08 0.01
N LEU A 318 -24.33 -7.80 -0.38
CA LEU A 318 -25.35 -7.21 -1.26
C LEU A 318 -25.33 -7.83 -2.66
N LEU A 319 -24.15 -8.28 -3.12
CA LEU A 319 -24.01 -8.95 -4.41
C LEU A 319 -24.40 -10.45 -4.34
N GLY A 320 -24.64 -10.99 -3.14
CA GLY A 320 -25.02 -12.39 -2.97
C GLY A 320 -23.89 -13.37 -3.23
N LEU A 321 -22.64 -12.92 -3.01
CA LEU A 321 -21.50 -13.77 -3.27
C LEU A 321 -20.99 -14.42 -1.99
N PRO A 322 -21.09 -15.76 -1.85
CA PRO A 322 -20.59 -16.39 -0.62
C PRO A 322 -19.07 -16.17 -0.47
N TYR A 323 -18.60 -16.02 0.77
CA TYR A 323 -17.20 -15.75 1.02
C TYR A 323 -16.77 -16.24 2.43
N ARG A 324 -15.47 -16.20 2.71
CA ARG A 324 -14.91 -16.50 4.03
C ARG A 324 -13.94 -15.33 4.41
N LYS A 325 -13.85 -15.02 5.71
CA LYS A 325 -12.97 -13.98 6.23
C LYS A 325 -11.81 -14.73 6.91
N VAL A 326 -10.57 -14.39 6.55
CA VAL A 326 -9.40 -15.09 7.04
C VAL A 326 -8.40 -14.13 7.71
N ALA A 327 -7.94 -14.45 8.92
CA ALA A 327 -6.94 -13.63 9.60
C ALA A 327 -5.61 -14.17 9.12
N LEU A 328 -4.79 -13.32 8.49
CA LEU A 328 -3.49 -13.75 8.00
C LEU A 328 -2.54 -14.00 9.15
N CYS A 329 -1.74 -15.05 9.05
CA CYS A 329 -0.76 -15.35 10.09
C CYS A 329 0.50 -14.45 9.88
N THR A 330 1.42 -14.45 10.85
CA THR A 330 2.63 -13.63 10.75
C THR A 330 3.45 -13.84 9.45
N GLY A 331 3.44 -15.06 8.92
CA GLY A 331 4.21 -15.40 7.73
C GLY A 331 3.56 -15.09 6.40
N ASP A 332 2.27 -14.77 6.41
CA ASP A 332 1.55 -14.46 5.17
C ASP A 332 1.15 -12.99 5.02
N MET A 333 1.57 -12.12 5.93
CA MET A 333 1.24 -10.70 5.87
C MET A 333 2.11 -9.93 4.89
N GLY A 334 1.56 -8.85 4.34
CA GLY A 334 2.32 -7.96 3.48
C GLY A 334 3.31 -7.14 4.28
N PHE A 335 4.24 -6.48 3.58
CA PHE A 335 5.32 -5.70 4.15
C PHE A 335 4.94 -4.68 5.25
N SER A 336 3.99 -3.78 4.97
CA SER A 336 3.69 -2.68 5.89
C SER A 336 2.59 -2.96 6.91
N ALA A 337 1.85 -4.05 6.76
CA ALA A 337 0.77 -4.37 7.67
C ALA A 337 1.23 -4.85 9.04
N CYS A 338 0.48 -4.51 10.08
CA CYS A 338 0.71 -5.05 11.41
C CYS A 338 -0.39 -6.11 11.74
N LYS A 339 -1.54 -6.07 11.02
CA LYS A 339 -2.67 -6.99 11.16
C LYS A 339 -3.51 -6.94 9.86
N THR A 340 -3.86 -8.10 9.30
CA THR A 340 -4.63 -8.14 8.05
C THR A 340 -5.69 -9.22 8.04
N TYR A 341 -6.85 -8.89 7.46
CA TYR A 341 -7.88 -9.87 7.16
C TYR A 341 -8.03 -9.94 5.65
N ASP A 342 -8.12 -11.14 5.09
CA ASP A 342 -8.41 -11.30 3.68
C ASP A 342 -9.83 -11.82 3.54
N LEU A 343 -10.55 -11.32 2.55
CA LEU A 343 -11.86 -11.86 2.21
C LEU A 343 -11.60 -12.69 0.95
N GLU A 344 -12.12 -13.92 0.95
CA GLU A 344 -11.97 -14.87 -0.13
C GLU A 344 -13.35 -15.26 -0.60
N VAL A 345 -13.69 -14.92 -1.86
CA VAL A 345 -14.99 -15.18 -2.48
C VAL A 345 -15.05 -16.61 -3.10
N TRP A 346 -16.24 -17.20 -3.14
CA TRP A 346 -16.41 -18.54 -3.70
C TRP A 346 -16.26 -18.48 -5.22
N VAL A 347 -15.43 -19.36 -5.79
CA VAL A 347 -15.21 -19.43 -7.21
C VAL A 347 -15.57 -20.86 -7.66
N PRO A 348 -16.81 -21.04 -8.16
CA PRO A 348 -17.29 -22.40 -8.49
C PRO A 348 -16.43 -23.25 -9.41
N ALA A 349 -15.82 -22.68 -10.48
CA ALA A 349 -15.00 -23.50 -11.38
C ALA A 349 -13.72 -24.01 -10.72
N GLN A 350 -13.23 -23.31 -9.70
CA GLN A 350 -12.04 -23.73 -8.99
C GLN A 350 -12.33 -24.56 -7.72
N ASN A 351 -13.63 -24.71 -7.34
CA ASN A 351 -14.13 -25.43 -6.16
C ASN A 351 -13.54 -24.93 -4.82
N THR A 352 -13.18 -23.65 -4.75
CA THR A 352 -12.56 -23.09 -3.54
C THR A 352 -12.85 -21.57 -3.43
N TYR A 353 -12.42 -20.95 -2.32
CA TYR A 353 -12.51 -19.52 -2.13
C TYR A 353 -11.21 -18.90 -2.64
N ARG A 354 -11.29 -17.73 -3.29
CA ARG A 354 -10.13 -17.00 -3.82
C ARG A 354 -10.11 -15.59 -3.29
N GLU A 355 -8.93 -15.09 -2.95
CA GLU A 355 -8.79 -13.74 -2.40
C GLU A 355 -9.39 -12.66 -3.32
N ILE A 356 -10.18 -11.76 -2.74
CA ILE A 356 -10.82 -10.64 -3.44
C ILE A 356 -10.56 -9.28 -2.68
N SER A 357 -10.17 -9.37 -1.40
CA SER A 357 -9.88 -8.19 -0.60
C SER A 357 -8.83 -8.46 0.46
N SER A 358 -8.02 -7.48 0.73
CA SER A 358 -7.05 -7.54 1.80
C SER A 358 -7.23 -6.26 2.59
N CYS A 359 -7.63 -6.34 3.87
CA CYS A 359 -7.85 -5.20 4.77
C CYS A 359 -6.79 -5.14 5.87
N SER A 360 -6.00 -4.06 5.93
CA SER A 360 -4.91 -3.98 6.89
C SER A 360 -4.88 -2.76 7.78
N ASN A 361 -4.38 -2.96 9.01
CA ASN A 361 -4.05 -1.89 9.90
C ASN A 361 -2.56 -1.80 9.73
N VAL A 362 -2.09 -0.63 9.34
CA VAL A 362 -0.67 -0.38 9.13
C VAL A 362 0.01 0.21 10.41
N TRP A 363 -0.77 0.57 11.45
CA TRP A 363 -0.20 1.16 12.67
C TRP A 363 0.45 2.52 12.27
N ASP A 364 1.62 2.87 12.80
CA ASP A 364 2.31 4.12 12.45
C ASP A 364 3.46 3.93 11.46
N PHE A 365 3.59 2.76 10.83
CA PHE A 365 4.69 2.42 9.92
C PHE A 365 4.77 3.34 8.69
N GLN A 366 3.64 3.65 8.03
CA GLN A 366 3.68 4.58 6.88
C GLN A 366 3.64 6.03 7.38
N ALA A 367 2.91 6.31 8.45
CA ALA A 367 2.89 7.66 9.04
C ALA A 367 4.30 8.12 9.44
N ARG A 368 5.18 7.17 9.89
CA ARG A 368 6.57 7.49 10.25
CA ARG A 368 6.54 7.54 10.25
C ARG A 368 7.34 7.93 9.01
N ARG A 369 7.19 7.19 7.91
CA ARG A 369 7.88 7.52 6.67
C ARG A 369 7.36 8.82 6.07
N MET A 370 6.05 9.07 6.18
CA MET A 370 5.42 10.27 5.59
C MET A 370 5.44 11.50 6.49
N GLN A 371 5.68 11.33 7.79
CA GLN A 371 5.64 12.40 8.78
C GLN A 371 4.20 12.93 8.84
N ALA A 372 3.24 12.02 8.97
CA ALA A 372 1.80 12.34 9.02
C ALA A 372 1.48 12.30 10.49
N ARG A 373 1.11 13.44 11.06
CA ARG A 373 0.83 13.51 12.48
CA ARG A 373 0.87 13.56 12.49
C ARG A 373 -0.48 14.17 12.80
N CYS A 374 -0.94 14.02 14.04
CA CYS A 374 -2.15 14.64 14.53
C CYS A 374 -1.88 15.32 15.88
N ARG A 375 -2.78 16.21 16.29
CA ARG A 375 -2.63 16.93 17.54
C ARG A 375 -3.97 17.48 18.02
N SER A 376 -4.21 17.50 19.33
CA SER A 376 -5.38 18.20 19.90
C SER A 376 -4.95 19.68 20.02
N LYS A 377 -5.89 20.64 19.84
CA LYS A 377 -5.60 22.08 19.87
C LYS A 377 -4.79 22.54 21.10
N SER A 378 -5.08 21.96 22.28
CA SER A 378 -4.33 22.31 23.49
C SER A 378 -2.93 21.63 23.47
N ASP A 379 -2.88 20.28 23.30
CA ASP A 379 -1.69 19.42 23.33
C ASP A 379 -0.40 20.09 22.89
N LYS A 380 0.61 20.06 23.78
CA LYS A 380 1.92 20.65 23.50
C LYS A 380 2.81 19.75 22.59
N LYS A 381 2.32 18.56 22.19
CA LYS A 381 3.10 17.65 21.35
C LYS A 381 2.19 16.96 20.34
N THR A 382 2.75 16.66 19.18
CA THR A 382 2.03 15.92 18.16
C THR A 382 2.24 14.40 18.36
N ARG A 383 1.54 13.58 17.58
CA ARG A 383 1.57 12.13 17.63
C ARG A 383 1.45 11.61 16.19
N LEU A 384 2.09 10.48 15.82
CA LEU A 384 1.90 9.93 14.49
C LEU A 384 0.49 9.36 14.39
N VAL A 385 -0.20 9.59 13.25
CA VAL A 385 -1.51 8.95 13.03
C VAL A 385 -1.28 7.46 12.72
N HIS A 386 -2.36 6.67 12.67
CA HIS A 386 -2.34 5.32 12.14
C HIS A 386 -3.02 5.36 10.76
N THR A 387 -2.62 4.45 9.85
CA THR A 387 -3.23 4.37 8.51
C THR A 387 -3.75 2.96 8.30
N LEU A 388 -4.77 2.84 7.47
CA LEU A 388 -5.42 1.58 7.12
C LEU A 388 -5.80 1.62 5.67
N ASN A 389 -5.84 0.47 5.04
CA ASN A 389 -6.23 0.36 3.63
C ASN A 389 -6.93 -0.99 3.43
N GLY A 390 -7.90 -1.03 2.53
CA GLY A 390 -8.64 -2.26 2.26
C GLY A 390 -9.34 -2.23 0.92
N SER A 391 -9.34 -3.36 0.21
CA SER A 391 -10.01 -3.47 -1.08
C SER A 391 -11.51 -3.58 -0.85
N GLY A 392 -12.30 -2.75 -1.52
CA GLY A 392 -13.76 -2.82 -1.40
C GLY A 392 -14.53 -2.69 -2.71
N LEU A 393 -14.23 -3.46 -3.76
CA LEU A 393 -13.28 -4.60 -3.84
C LEU A 393 -12.36 -4.47 -5.08
N ALA A 394 -11.54 -5.51 -5.36
CA ALA A 394 -10.79 -5.67 -6.61
C ALA A 394 -11.90 -5.99 -7.65
N VAL A 395 -12.15 -5.09 -8.62
CA VAL A 395 -13.31 -5.17 -9.53
C VAL A 395 -13.31 -6.36 -10.50
N GLY A 396 -12.18 -6.68 -11.11
CA GLY A 396 -12.07 -7.81 -12.02
C GLY A 396 -12.33 -9.13 -11.33
N ARG A 397 -11.85 -9.30 -10.09
CA ARG A 397 -12.12 -10.54 -9.32
C ARG A 397 -13.60 -10.62 -8.92
N THR A 398 -14.25 -9.46 -8.69
CA THR A 398 -15.68 -9.45 -8.41
C THR A 398 -16.45 -9.90 -9.65
N LEU A 399 -16.00 -9.50 -10.86
CA LEU A 399 -16.62 -9.87 -12.12
C LEU A 399 -16.46 -11.37 -12.34
N VAL A 400 -15.27 -11.93 -12.04
CA VAL A 400 -15.02 -13.37 -12.10
C VAL A 400 -16.04 -14.13 -11.23
N ALA A 401 -16.17 -13.74 -9.95
CA ALA A 401 -17.09 -14.37 -9.00
C ALA A 401 -18.53 -14.19 -9.45
N LEU A 402 -18.89 -12.99 -9.92
CA LEU A 402 -20.25 -12.73 -10.37
C LEU A 402 -20.64 -13.66 -11.56
N MET A 403 -19.79 -13.72 -12.58
CA MET A 403 -20.01 -14.52 -13.78
C MET A 403 -20.18 -15.99 -13.44
N GLU A 404 -19.27 -16.54 -12.62
CA GLU A 404 -19.32 -17.96 -12.29
C GLU A 404 -20.44 -18.36 -11.37
N ASN A 405 -20.77 -17.50 -10.39
CA ASN A 405 -21.82 -17.81 -9.43
C ASN A 405 -23.24 -17.61 -9.96
N TYR A 406 -23.39 -16.73 -10.93
CA TYR A 406 -24.69 -16.37 -11.51
C TYR A 406 -24.89 -16.90 -12.94
N GLN A 407 -23.99 -17.75 -13.47
CA GLN A 407 -24.14 -18.31 -14.82
C GLN A 407 -25.36 -19.20 -14.93
N GLN A 408 -26.02 -19.21 -16.09
CA GLN A 408 -27.15 -20.10 -16.34
C GLN A 408 -26.65 -21.25 -17.21
N ALA A 409 -27.49 -22.29 -17.39
CA ALA A 409 -27.13 -23.48 -18.15
C ALA A 409 -26.69 -23.18 -19.58
N ASP A 410 -27.32 -22.16 -20.21
CA ASP A 410 -26.94 -21.78 -21.58
C ASP A 410 -25.77 -20.73 -21.63
N GLY A 411 -25.23 -20.36 -20.48
CA GLY A 411 -24.15 -19.39 -20.43
C GLY A 411 -24.57 -17.97 -20.13
N ARG A 412 -25.89 -17.70 -20.06
CA ARG A 412 -26.38 -16.34 -19.73
C ARG A 412 -25.93 -15.96 -18.32
N ILE A 413 -25.70 -14.66 -18.08
CA ILE A 413 -25.29 -14.22 -16.75
C ILE A 413 -26.45 -13.50 -16.09
N GLU A 414 -26.92 -14.03 -14.95
CA GLU A 414 -27.96 -13.33 -14.21
C GLU A 414 -27.30 -12.12 -13.50
N ILE A 415 -27.88 -10.94 -13.65
CA ILE A 415 -27.36 -9.74 -13.02
C ILE A 415 -27.89 -9.68 -11.61
N PRO A 416 -26.99 -9.64 -10.60
CA PRO A 416 -27.47 -9.54 -9.20
C PRO A 416 -28.45 -8.37 -9.01
N GLU A 417 -29.48 -8.60 -8.20
CA GLU A 417 -30.52 -7.60 -7.94
C GLU A 417 -30.00 -6.19 -7.62
N VAL A 418 -28.97 -6.09 -6.78
CA VAL A 418 -28.42 -4.79 -6.37
C VAL A 418 -27.75 -4.02 -7.54
N LEU A 419 -27.28 -4.74 -8.60
CA LEU A 419 -26.66 -4.07 -9.75
C LEU A 419 -27.65 -3.68 -10.85
N ARG A 420 -28.87 -4.23 -10.83
CA ARG A 420 -29.86 -3.97 -11.86
C ARG A 420 -30.17 -2.46 -12.04
N PRO A 421 -30.28 -1.60 -11.00
CA PRO A 421 -30.43 -0.15 -11.24
C PRO A 421 -29.22 0.46 -12.01
N TYR A 422 -28.05 -0.18 -11.90
CA TYR A 422 -26.83 0.22 -12.58
C TYR A 422 -26.75 -0.29 -14.03
N MET A 423 -27.67 -1.20 -14.42
CA MET A 423 -27.76 -1.77 -15.77
C MET A 423 -29.11 -1.44 -16.41
N ARG A 424 -29.78 -0.33 -16.01
CA ARG A 424 -31.09 0.06 -16.54
C ARG A 424 -32.17 -1.01 -16.34
N GLY A 425 -32.09 -1.74 -15.23
CA GLY A 425 -33.04 -2.78 -14.89
C GLY A 425 -32.83 -4.11 -15.57
N LEU A 426 -31.77 -4.26 -16.41
CA LEU A 426 -31.48 -5.51 -17.12
C LEU A 426 -31.37 -6.70 -16.16
N GLU A 427 -32.01 -7.82 -16.48
CA GLU A 427 -32.03 -8.98 -15.59
C GLU A 427 -30.93 -10.00 -15.90
N TYR A 428 -30.62 -10.16 -17.17
CA TYR A 428 -29.65 -11.14 -17.67
C TYR A 428 -28.84 -10.53 -18.78
N ILE A 429 -27.60 -10.95 -18.91
CA ILE A 429 -26.77 -10.61 -20.06
C ILE A 429 -26.91 -11.88 -20.95
N GLY A 430 -27.37 -11.70 -22.17
CA GLY A 430 -27.59 -12.81 -23.09
C GLY A 430 -29.09 -13.12 -23.27
#